data_4WB3
#
_entry.id   4WB3
#
_cell.length_a   45.840
_cell.length_b   282.630
_cell.length_c   45.760
_cell.angle_alpha   90.00
_cell.angle_beta   90.00
_cell.angle_gamma   90.00
#
_symmetry.space_group_name_H-M   'P 21 21 2'
#
loop_
_entity.id
_entity.type
_entity.pdbx_description
1 polymer 'Complement C5'
2 polymer 'mixed L-RNA/L-DNA aptamer NOX-D20 (40-MER)'
3 non-polymer 'CALCIUM ION'
4 non-polymer 'ACETATE ION'
5 non-polymer 'MAGNESIUM ION'
6 water water
#
loop_
_entity_poly.entity_id
_entity_poly.type
_entity_poly.pdbx_seq_one_letter_code
_entity_poly.pdbx_strand_id
1 'polypeptide(L)' GANLHLLRQKIEEQAAKYKHSVPKKCCYDGARVNFYETCEERVARVTIGPLCIRAFNECCTIANKIRKESPHKPVQLG A,B,C
2 'polydeoxyribonucleotide/polyribonucleotide hybrid'
;(0G)(0C)(0G)(0A)(0U)(0G)(3KA)(0G)(0G)(0U)(0G)(0G)(0U)(0DG)(0DA)(0A)(0G)(0G)(0G)
(0U)(0U)(0G)(0U)(0U)(0G)(0G)(0G)(3KA)(0G)(3KA)(0C)(0G)(0A)(0C)(0G)(0C)(0A)(0DC)
(0G)(0C)
;
D,E
#
# COMPACT_ATOMS: atom_id res chain seq x y z
N ASN A 3 15.28 6.95 -24.37
CA ASN A 3 14.39 7.92 -24.99
C ASN A 3 13.30 8.40 -24.01
N LEU A 4 13.57 9.52 -23.36
CA LEU A 4 12.69 10.01 -22.30
C LEU A 4 11.36 10.56 -22.80
N HIS A 5 11.35 11.09 -24.02
CA HIS A 5 10.13 11.65 -24.60
C HIS A 5 9.08 10.56 -24.89
N LEU A 6 9.55 9.46 -25.46
CA LEU A 6 8.70 8.31 -25.75
C LEU A 6 8.26 7.65 -24.46
N LEU A 7 9.22 7.50 -23.54
CA LEU A 7 8.95 6.89 -22.25
C LEU A 7 7.78 7.56 -21.56
N ARG A 8 7.83 8.87 -21.49
CA ARG A 8 6.80 9.67 -20.86
C ARG A 8 5.42 9.45 -21.50
N GLN A 9 5.36 9.53 -22.83
CA GLN A 9 4.11 9.36 -23.55
C GLN A 9 3.50 7.96 -23.35
N LYS A 10 4.31 6.93 -23.46
CA LYS A 10 3.83 5.55 -23.32
C LYS A 10 3.36 5.26 -21.89
N ILE A 11 4.01 5.86 -20.91
CA ILE A 11 3.61 5.67 -19.52
C ILE A 11 2.30 6.40 -19.28
N GLU A 12 2.15 7.60 -19.83
CA GLU A 12 0.89 8.34 -19.73
C GLU A 12 -0.26 7.53 -20.33
N GLU A 13 -0.01 6.95 -21.51
CA GLU A 13 -0.97 6.12 -22.20
C GLU A 13 -1.44 4.97 -21.31
N GLN A 14 -0.52 4.33 -20.60
CA GLN A 14 -0.90 3.22 -19.75
C GLN A 14 -1.55 3.70 -18.45
N ALA A 15 -0.97 4.74 -17.83
CA ALA A 15 -1.50 5.28 -16.58
C ALA A 15 -2.94 5.74 -16.72
N ALA A 16 -3.28 6.22 -17.91
CA ALA A 16 -4.62 6.74 -18.18
C ALA A 16 -5.68 5.64 -18.00
N LYS A 17 -5.25 4.39 -18.14
CA LYS A 17 -6.15 3.25 -17.97
C LYS A 17 -6.59 3.06 -16.51
N TYR A 18 -5.82 3.61 -15.57
CA TYR A 18 -6.18 3.48 -14.17
C TYR A 18 -6.95 4.70 -13.76
N LYS A 19 -8.18 4.49 -13.29
CA LYS A 19 -9.09 5.60 -13.09
C LYS A 19 -9.08 6.12 -11.65
N HIS A 20 -7.97 5.92 -10.95
CA HIS A 20 -7.81 6.46 -9.61
C HIS A 20 -6.34 6.78 -9.36
N SER A 21 -6.10 7.83 -8.59
CA SER A 21 -4.77 8.38 -8.44
C SER A 21 -3.83 7.40 -7.74
N VAL A 22 -4.36 6.48 -6.92
CA VAL A 22 -3.47 5.57 -6.22
C VAL A 22 -2.88 4.54 -7.18
N PRO A 23 -3.73 3.81 -7.96
CA PRO A 23 -3.05 2.93 -8.92
C PRO A 23 -2.34 3.70 -10.05
N LYS A 24 -2.74 4.94 -10.31
CA LYS A 24 -1.96 5.76 -11.23
C LYS A 24 -0.54 5.91 -10.69
N LYS A 25 -0.42 6.22 -9.39
CA LYS A 25 0.90 6.41 -8.80
C LYS A 25 1.66 5.09 -8.75
N CYS A 26 0.94 3.98 -8.55
CA CYS A 26 1.58 2.68 -8.65
C CYS A 26 2.25 2.49 -10.02
N CYS A 27 1.54 2.87 -11.07
CA CYS A 27 2.09 2.83 -12.42
C CYS A 27 3.32 3.73 -12.55
N TYR A 28 3.18 4.99 -12.12
CA TYR A 28 4.29 5.94 -12.28
C TYR A 28 5.50 5.47 -11.52
N ASP A 29 5.28 4.95 -10.32
CA ASP A 29 6.37 4.44 -9.49
C ASP A 29 7.02 3.23 -10.17
N GLY A 30 6.18 2.36 -10.72
CA GLY A 30 6.65 1.19 -11.44
C GLY A 30 7.59 1.58 -12.55
N ALA A 31 7.24 2.63 -13.30
CA ALA A 31 8.01 3.01 -14.47
C ALA A 31 9.38 3.60 -14.08
N ARG A 32 9.56 3.95 -12.80
CA ARG A 32 10.84 4.49 -12.33
C ARG A 32 11.86 3.41 -12.01
N VAL A 33 11.43 2.16 -11.95
CA VAL A 33 12.33 1.08 -11.60
C VAL A 33 13.39 0.92 -12.69
N ASN A 34 14.65 1.22 -12.38
N ASN A 34 14.64 1.22 -12.35
CA ASN A 34 15.71 1.12 -13.38
CA ASN A 34 15.71 1.20 -13.31
C ASN A 34 17.09 0.79 -12.80
C ASN A 34 17.08 1.02 -12.65
N PHE A 35 17.11 0.21 -11.60
CA PHE A 35 18.36 -0.07 -10.91
C PHE A 35 18.64 -1.57 -11.06
N TYR A 36 19.24 -2.22 -10.07
CA TYR A 36 19.65 -3.62 -10.31
C TYR A 36 18.50 -4.62 -10.11
N GLU A 37 17.43 -4.22 -9.43
CA GLU A 37 16.28 -5.13 -9.24
C GLU A 37 15.35 -5.13 -10.45
N THR A 38 14.97 -6.32 -10.91
CA THR A 38 13.98 -6.47 -11.99
C THR A 38 12.60 -6.00 -11.56
N CYS A 39 11.68 -5.86 -12.51
CA CYS A 39 10.30 -5.52 -12.19
C CYS A 39 9.69 -6.51 -11.21
N GLU A 40 9.90 -7.79 -11.50
CA GLU A 40 9.34 -8.86 -10.71
C GLU A 40 9.87 -8.79 -9.27
N GLU A 41 11.16 -8.57 -9.12
CA GLU A 41 11.78 -8.45 -7.79
C GLU A 41 11.23 -7.24 -7.06
N ARG A 42 11.08 -6.15 -7.78
CA ARG A 42 10.71 -4.89 -7.15
C ARG A 42 9.23 -4.88 -6.79
N VAL A 43 8.38 -5.48 -7.62
CA VAL A 43 6.95 -5.47 -7.34
C VAL A 43 6.56 -6.39 -6.18
N ALA A 44 7.42 -7.35 -5.85
CA ALA A 44 7.14 -8.27 -4.74
C ALA A 44 6.92 -7.54 -3.41
N ARG A 45 7.42 -6.31 -3.28
CA ARG A 45 7.30 -5.56 -2.03
C ARG A 45 6.17 -4.54 -2.07
N VAL A 46 5.34 -4.59 -3.10
CA VAL A 46 4.17 -3.71 -3.21
C VAL A 46 2.96 -4.42 -2.62
N THR A 47 2.40 -3.86 -1.54
CA THR A 47 1.40 -4.58 -0.79
C THR A 47 0.03 -3.88 -0.69
N ILE A 48 -0.21 -2.91 -1.56
CA ILE A 48 -1.45 -2.14 -1.53
C ILE A 48 -2.66 -2.95 -2.01
N GLY A 49 -2.48 -3.75 -3.05
CA GLY A 49 -3.56 -4.60 -3.55
C GLY A 49 -3.35 -5.01 -5.00
N PRO A 50 -4.20 -5.92 -5.52
CA PRO A 50 -4.02 -6.46 -6.87
C PRO A 50 -3.97 -5.40 -7.97
N LEU A 51 -4.78 -4.35 -7.90
CA LEU A 51 -4.79 -3.38 -8.99
C LEU A 51 -3.49 -2.59 -8.99
N CYS A 52 -3.04 -2.19 -7.80
CA CYS A 52 -1.77 -1.46 -7.70
C CYS A 52 -0.61 -2.31 -8.22
N ILE A 53 -0.64 -3.59 -7.89
CA ILE A 53 0.40 -4.50 -8.33
C ILE A 53 0.40 -4.64 -9.85
N ARG A 54 -0.78 -4.80 -10.45
CA ARG A 54 -0.88 -4.89 -11.90
C ARG A 54 -0.36 -3.62 -12.60
N ALA A 55 -0.74 -2.45 -12.07
CA ALA A 55 -0.32 -1.18 -12.64
C ALA A 55 1.19 -0.99 -12.52
N PHE A 56 1.73 -1.29 -11.34
CA PHE A 56 3.17 -1.22 -11.13
C PHE A 56 3.88 -2.13 -12.14
N ASN A 57 3.42 -3.37 -12.24
CA ASN A 57 3.97 -4.35 -13.18
C ASN A 57 3.96 -3.89 -14.64
N GLU A 58 2.78 -3.51 -15.12
N GLU A 58 2.77 -3.54 -15.12
CA GLU A 58 2.61 -3.13 -16.52
CA GLU A 58 2.62 -3.11 -16.51
C GLU A 58 3.45 -1.89 -16.88
C GLU A 58 3.52 -1.93 -16.84
N CYS A 59 3.53 -0.92 -15.98
CA CYS A 59 4.32 0.28 -16.28
C CYS A 59 5.82 0.04 -16.09
N CYS A 60 6.21 -0.80 -15.14
CA CYS A 60 7.62 -1.15 -15.03
C CYS A 60 8.07 -1.85 -16.33
N THR A 61 7.24 -2.77 -16.81
CA THR A 61 7.54 -3.55 -18.00
C THR A 61 7.63 -2.69 -19.26
N ILE A 62 6.71 -1.75 -19.41
CA ILE A 62 6.71 -0.82 -20.52
C ILE A 62 7.98 0.04 -20.50
N ALA A 63 8.30 0.60 -19.33
CA ALA A 63 9.50 1.43 -19.20
C ALA A 63 10.78 0.66 -19.52
N ASN A 64 10.90 -0.54 -18.96
CA ASN A 64 12.05 -1.40 -19.21
C ASN A 64 12.26 -1.69 -20.70
N LYS A 65 11.17 -2.01 -21.39
CA LYS A 65 11.26 -2.29 -22.83
C LYS A 65 11.77 -1.07 -23.57
N ILE A 66 11.24 0.10 -23.23
CA ILE A 66 11.64 1.33 -23.92
C ILE A 66 13.11 1.69 -23.67
N ARG A 67 13.57 1.52 -22.43
CA ARG A 67 14.98 1.75 -22.11
C ARG A 67 15.89 0.77 -22.86
N LYS A 68 15.45 -0.49 -22.96
CA LYS A 68 16.18 -1.50 -23.70
C LYS A 68 16.34 -1.17 -25.18
N GLU A 69 15.29 -0.63 -25.79
CA GLU A 69 15.28 -0.34 -27.23
C GLU A 69 15.97 0.96 -27.59
N SER A 70 16.30 1.77 -26.58
CA SER A 70 16.98 3.04 -26.80
C SER A 70 18.49 2.85 -26.95
N HIS B 5 12.50 -8.95 -0.66
CA HIS B 5 12.97 -10.30 -0.96
C HIS B 5 14.48 -10.39 -0.69
N LEU B 6 15.03 -11.59 -0.94
CA LEU B 6 16.39 -11.90 -0.55
C LEU B 6 17.45 -11.21 -1.42
N LEU B 7 17.15 -10.95 -2.69
CA LEU B 7 18.16 -10.36 -3.57
C LEU B 7 18.63 -9.00 -3.05
N ARG B 8 17.69 -8.09 -2.84
CA ARG B 8 18.05 -6.77 -2.36
C ARG B 8 18.85 -6.84 -1.06
N GLN B 9 18.39 -7.66 -0.12
CA GLN B 9 19.05 -7.74 1.18
C GLN B 9 20.53 -8.12 1.06
N LYS B 10 20.83 -9.11 0.23
CA LYS B 10 22.19 -9.61 0.12
C LYS B 10 23.06 -8.67 -0.73
N ILE B 11 22.47 -8.08 -1.76
CA ILE B 11 23.22 -7.11 -2.55
C ILE B 11 23.56 -5.88 -1.72
N GLU B 12 22.59 -5.36 -0.96
CA GLU B 12 22.88 -4.19 -0.15
C GLU B 12 23.87 -4.50 0.99
N GLU B 13 23.78 -5.70 1.54
CA GLU B 13 24.76 -6.16 2.53
C GLU B 13 26.17 -6.17 1.94
N GLN B 14 26.29 -6.65 0.71
CA GLN B 14 27.60 -6.66 0.05
C GLN B 14 28.10 -5.26 -0.29
N ALA B 15 27.20 -4.39 -0.78
CA ALA B 15 27.60 -3.03 -1.11
C ALA B 15 28.06 -2.26 0.12
N ALA B 16 27.44 -2.57 1.26
CA ALA B 16 27.77 -1.93 2.53
C ALA B 16 29.19 -2.24 3.00
N LYS B 17 29.80 -3.30 2.46
CA LYS B 17 31.18 -3.63 2.79
C LYS B 17 32.18 -2.70 2.10
N TYR B 18 31.70 -1.92 1.15
CA TYR B 18 32.58 -1.01 0.41
C TYR B 18 32.30 0.41 0.84
N LYS B 19 33.36 1.14 1.17
CA LYS B 19 33.23 2.46 1.76
C LYS B 19 32.81 3.53 0.76
N HIS B 20 33.39 3.49 -0.44
CA HIS B 20 33.24 4.60 -1.38
C HIS B 20 32.30 4.29 -2.53
N SER B 21 31.80 5.34 -3.17
CA SER B 21 30.77 5.25 -4.19
C SER B 21 31.15 4.40 -5.37
N VAL B 22 32.40 4.53 -5.85
CA VAL B 22 32.79 3.83 -7.07
C VAL B 22 32.69 2.31 -6.90
N PRO B 23 33.31 1.74 -5.84
CA PRO B 23 33.13 0.28 -5.71
C PRO B 23 31.70 -0.14 -5.33
N LYS B 24 30.95 0.68 -4.61
CA LYS B 24 29.53 0.36 -4.41
C LYS B 24 28.84 0.22 -5.78
N LYS B 25 29.09 1.17 -6.67
CA LYS B 25 28.51 1.13 -8.01
C LYS B 25 28.99 -0.09 -8.81
N CYS B 26 30.24 -0.49 -8.60
CA CYS B 26 30.74 -1.71 -9.22
C CYS B 26 29.89 -2.90 -8.80
N CYS B 27 29.59 -2.97 -7.50
CA CYS B 27 28.71 -3.99 -6.98
C CYS B 27 27.32 -3.87 -7.58
N TYR B 28 26.71 -2.69 -7.53
CA TYR B 28 25.35 -2.54 -8.04
C TYR B 28 25.26 -2.88 -9.55
N ASP B 29 26.25 -2.47 -10.32
CA ASP B 29 26.27 -2.81 -11.74
C ASP B 29 26.39 -4.31 -11.96
N GLY B 30 27.17 -4.98 -11.14
CA GLY B 30 27.33 -6.41 -11.24
C GLY B 30 26.02 -7.13 -10.93
N ALA B 31 25.20 -6.51 -10.09
CA ALA B 31 23.93 -7.13 -9.68
C ALA B 31 22.83 -7.01 -10.75
N ARG B 32 23.02 -6.13 -11.75
CA ARG B 32 22.01 -5.96 -12.78
C ARG B 32 21.85 -7.22 -13.63
N VAL B 33 20.62 -7.54 -14.05
CA VAL B 33 20.41 -8.72 -14.89
C VAL B 33 21.00 -8.56 -16.27
N ASN B 34 21.40 -9.67 -16.85
CA ASN B 34 21.92 -9.72 -18.22
C ASN B 34 21.63 -11.13 -18.73
N PHE B 35 20.65 -11.25 -19.62
CA PHE B 35 20.18 -12.56 -20.05
C PHE B 35 21.09 -13.20 -21.08
N TYR B 36 22.10 -12.46 -21.52
CA TYR B 36 22.88 -12.86 -22.69
C TYR B 36 24.35 -13.15 -22.39
N GLU B 37 24.86 -12.60 -21.27
CA GLU B 37 26.27 -12.75 -20.94
C GLU B 37 26.49 -13.24 -19.51
N THR B 38 27.56 -14.00 -19.31
CA THR B 38 27.93 -14.46 -17.98
C THR B 38 28.64 -13.35 -17.20
N CYS B 39 28.83 -13.55 -15.90
CA CYS B 39 29.59 -12.60 -15.10
C CYS B 39 31.00 -12.41 -15.65
N GLU B 40 31.61 -13.50 -16.12
CA GLU B 40 32.98 -13.45 -16.62
C GLU B 40 33.07 -12.62 -17.91
N GLU B 41 32.07 -12.77 -18.76
CA GLU B 41 32.05 -12.02 -20.00
C GLU B 41 31.83 -10.54 -19.71
N ARG B 42 30.96 -10.25 -18.75
CA ARG B 42 30.65 -8.87 -18.41
C ARG B 42 31.80 -8.18 -17.71
N VAL B 43 32.41 -8.86 -16.73
CA VAL B 43 33.43 -8.20 -15.94
C VAL B 43 34.69 -7.96 -16.76
N ALA B 44 34.83 -8.68 -17.87
CA ALA B 44 35.94 -8.45 -18.79
C ALA B 44 35.93 -7.03 -19.37
N ARG B 45 34.81 -6.34 -19.27
CA ARG B 45 34.72 -4.99 -19.80
C ARG B 45 34.94 -3.92 -18.73
N VAL B 46 35.11 -4.34 -17.48
CA VAL B 46 35.38 -3.38 -16.41
C VAL B 46 36.83 -2.88 -16.48
N THR B 47 37.01 -1.56 -16.56
CA THR B 47 38.36 -1.01 -16.76
C THR B 47 38.85 -0.19 -15.57
N ILE B 48 38.02 -0.09 -14.53
CA ILE B 48 38.28 0.79 -13.38
C ILE B 48 39.40 0.25 -12.50
N GLY B 49 39.57 -1.06 -12.47
CA GLY B 49 40.66 -1.66 -11.74
C GLY B 49 40.25 -2.90 -10.96
N PRO B 50 41.23 -3.60 -10.39
CA PRO B 50 41.04 -4.89 -9.72
C PRO B 50 39.99 -4.87 -8.59
N LEU B 51 39.95 -3.82 -7.78
CA LEU B 51 39.02 -3.82 -6.65
C LEU B 51 37.58 -3.70 -7.15
N CYS B 52 37.37 -2.86 -8.17
CA CYS B 52 36.04 -2.72 -8.77
C CYS B 52 35.63 -4.05 -9.39
N ILE B 53 36.56 -4.70 -10.09
CA ILE B 53 36.32 -6.00 -10.69
C ILE B 53 35.85 -6.98 -9.61
N ARG B 54 36.55 -6.99 -8.48
CA ARG B 54 36.19 -7.88 -7.39
C ARG B 54 34.79 -7.58 -6.86
N ALA B 55 34.46 -6.30 -6.68
CA ALA B 55 33.14 -5.93 -6.17
C ALA B 55 32.06 -6.33 -7.17
N PHE B 56 32.32 -6.06 -8.44
CA PHE B 56 31.40 -6.46 -9.52
C PHE B 56 31.17 -7.96 -9.47
N ASN B 57 32.27 -8.72 -9.43
CA ASN B 57 32.19 -10.17 -9.37
C ASN B 57 31.40 -10.67 -8.17
N GLU B 58 31.63 -10.09 -7.00
CA GLU B 58 30.94 -10.52 -5.77
C GLU B 58 29.45 -10.38 -5.92
N CYS B 59 29.00 -9.22 -6.38
CA CYS B 59 27.58 -8.97 -6.46
C CYS B 59 26.94 -9.67 -7.68
N CYS B 60 27.69 -9.81 -8.77
CA CYS B 60 27.21 -10.58 -9.92
C CYS B 60 26.99 -12.05 -9.54
N THR B 61 27.87 -12.58 -8.69
CA THR B 61 27.78 -13.97 -8.26
C THR B 61 26.59 -14.15 -7.34
N ILE B 62 26.45 -13.22 -6.41
CA ILE B 62 25.35 -13.24 -5.45
C ILE B 62 24.00 -13.22 -6.17
N ALA B 63 23.88 -12.30 -7.12
CA ALA B 63 22.63 -12.12 -7.85
C ALA B 63 22.28 -13.37 -8.64
N ASN B 64 23.28 -13.96 -9.29
CA ASN B 64 23.06 -15.21 -10.03
C ASN B 64 22.55 -16.32 -9.10
N LYS B 65 23.23 -16.50 -7.97
CA LYS B 65 22.85 -17.57 -7.02
C LYS B 65 21.41 -17.40 -6.54
N ILE B 66 21.04 -16.17 -6.19
CA ILE B 66 19.73 -15.92 -5.61
C ILE B 66 18.63 -15.99 -6.67
N ARG B 67 18.91 -15.49 -7.87
CA ARG B 67 17.91 -15.57 -8.94
C ARG B 67 17.69 -17.03 -9.37
N LYS B 68 18.72 -17.86 -9.29
CA LYS B 68 18.55 -19.29 -9.61
C LYS B 68 17.66 -19.99 -8.60
N GLU B 69 17.78 -19.60 -7.33
CA GLU B 69 17.08 -20.28 -6.23
C GLU B 69 15.65 -19.78 -6.06
N SER B 70 15.25 -18.84 -6.90
CA SER B 70 13.91 -18.25 -6.82
C SER B 70 13.06 -18.68 -7.99
N PRO B 71 11.73 -18.70 -7.81
CA PRO B 71 10.83 -19.03 -8.92
C PRO B 71 10.52 -17.79 -9.76
N HIS B 72 10.58 -17.94 -11.09
CA HIS B 72 10.37 -16.82 -11.98
C HIS B 72 9.04 -16.94 -12.73
N ALA C 2 -46.40 4.18 32.46
CA ALA C 2 -45.85 4.66 31.19
C ALA C 2 -46.16 3.71 30.03
N ASN C 3 -46.91 4.20 29.05
CA ASN C 3 -47.28 3.40 27.88
C ASN C 3 -46.09 3.04 26.99
N LEU C 4 -45.61 1.81 27.10
CA LEU C 4 -44.44 1.34 26.36
C LEU C 4 -44.73 1.20 24.86
N HIS C 5 -45.99 0.94 24.53
CA HIS C 5 -46.43 0.86 23.14
C HIS C 5 -46.19 2.20 22.46
N LEU C 6 -46.55 3.27 23.16
CA LEU C 6 -46.28 4.64 22.72
C LEU C 6 -44.78 4.91 22.68
N LEU C 7 -44.09 4.48 23.72
CA LEU C 7 -42.65 4.64 23.81
C LEU C 7 -41.95 4.03 22.60
N ARG C 8 -42.28 2.78 22.30
CA ARG C 8 -41.67 2.10 21.17
C ARG C 8 -41.98 2.82 19.86
N GLN C 9 -43.20 3.31 19.72
CA GLN C 9 -43.57 4.07 18.54
C GLN C 9 -42.75 5.36 18.43
N LYS C 10 -42.71 6.15 19.51
CA LYS C 10 -41.97 7.41 19.50
C LYS C 10 -40.47 7.22 19.26
N ILE C 11 -39.89 6.17 19.82
CA ILE C 11 -38.48 5.89 19.61
C ILE C 11 -38.23 5.49 18.16
N GLU C 12 -39.11 4.66 17.62
CA GLU C 12 -39.00 4.24 16.23
C GLU C 12 -39.06 5.44 15.28
N GLU C 13 -39.90 6.41 15.63
CA GLU C 13 -39.98 7.66 14.87
C GLU C 13 -38.62 8.33 14.79
N GLN C 14 -37.97 8.45 15.94
CA GLN C 14 -36.67 9.11 16.01
C GLN C 14 -35.60 8.28 15.32
N ALA C 15 -35.66 6.96 15.51
CA ALA C 15 -34.68 6.07 14.90
C ALA C 15 -34.79 6.10 13.37
N ALA C 16 -35.99 6.32 12.87
CA ALA C 16 -36.22 6.36 11.43
C ALA C 16 -35.48 7.52 10.77
N LYS C 17 -35.13 8.53 11.56
CA LYS C 17 -34.40 9.69 11.06
C LYS C 17 -32.92 9.39 10.79
N TYR C 18 -32.47 8.22 11.23
CA TYR C 18 -31.09 7.81 11.02
C TYR C 18 -31.00 6.75 9.93
N LYS C 19 -30.27 7.06 8.87
CA LYS C 19 -30.27 6.23 7.68
C LYS C 19 -29.44 4.95 7.82
N HIS C 20 -28.50 4.94 8.75
CA HIS C 20 -27.65 3.76 8.90
C HIS C 20 -28.00 2.94 10.14
N SER C 21 -27.85 1.63 10.03
CA SER C 21 -28.21 0.70 11.10
C SER C 21 -27.39 0.89 12.39
N VAL C 22 -26.13 1.32 12.28
CA VAL C 22 -25.33 1.49 13.49
C VAL C 22 -25.93 2.61 14.35
N PRO C 23 -26.19 3.80 13.76
CA PRO C 23 -26.81 4.77 14.68
C PRO C 23 -28.26 4.43 15.04
N LYS C 24 -28.97 3.69 14.19
CA LYS C 24 -30.29 3.19 14.55
C LYS C 24 -30.20 2.39 15.84
N LYS C 25 -29.20 1.52 15.94
CA LYS C 25 -29.02 0.71 17.14
C LYS C 25 -28.58 1.57 18.33
N CYS C 26 -27.75 2.58 18.08
CA CYS C 26 -27.38 3.51 19.12
C CYS C 26 -28.64 4.16 19.70
N CYS C 27 -29.58 4.49 18.83
CA CYS C 27 -30.88 5.00 19.28
C CYS C 27 -31.60 3.96 20.14
N TYR C 28 -31.80 2.77 19.59
CA TYR C 28 -32.56 1.72 20.28
C TYR C 28 -31.94 1.38 21.63
N ASP C 29 -30.61 1.33 21.67
CA ASP C 29 -29.87 1.04 22.90
C ASP C 29 -29.99 2.16 23.94
N GLY C 30 -29.90 3.41 23.51
CA GLY C 30 -30.03 4.54 24.40
C GLY C 30 -31.42 4.62 25.01
N ALA C 31 -32.41 4.14 24.26
CA ALA C 31 -33.81 4.20 24.70
C ALA C 31 -34.13 3.20 25.81
N ARG C 32 -33.20 2.27 26.05
CA ARG C 32 -33.37 1.30 27.12
C ARG C 32 -33.32 2.00 28.47
N VAL C 33 -34.20 1.55 29.37
CA VAL C 33 -34.26 2.11 30.71
C VAL C 33 -32.95 1.88 31.49
N ASN C 34 -32.56 2.86 32.27
CA ASN C 34 -31.43 2.73 33.19
C ASN C 34 -31.72 3.60 34.40
N PHE C 35 -32.00 2.94 35.52
CA PHE C 35 -32.42 3.64 36.74
C PHE C 35 -31.27 4.28 37.49
N TYR C 36 -30.04 3.91 37.14
CA TYR C 36 -28.87 4.29 37.92
C TYR C 36 -28.09 5.43 37.30
N GLU C 37 -28.21 5.63 35.99
CA GLU C 37 -27.40 6.63 35.30
C GLU C 37 -28.23 7.55 34.40
N THR C 38 -27.81 8.82 34.35
CA THR C 38 -28.43 9.78 33.45
C THR C 38 -28.01 9.51 32.00
N CYS C 39 -28.71 10.11 31.04
CA CYS C 39 -28.34 9.97 29.64
C CYS C 39 -26.93 10.53 29.42
N GLU C 40 -26.62 11.63 30.10
CA GLU C 40 -25.30 12.22 29.99
C GLU C 40 -24.22 11.23 30.42
N GLU C 41 -24.47 10.57 31.54
CA GLU C 41 -23.53 9.59 32.08
C GLU C 41 -23.40 8.37 31.17
N ARG C 42 -24.51 7.94 30.60
CA ARG C 42 -24.49 6.77 29.75
C ARG C 42 -23.75 7.03 28.43
N VAL C 43 -24.05 8.14 27.77
CA VAL C 43 -23.49 8.41 26.45
C VAL C 43 -21.99 8.67 26.55
N ALA C 44 -21.53 9.05 27.75
CA ALA C 44 -20.10 9.27 27.97
C ALA C 44 -19.30 7.98 27.78
N ARG C 45 -19.97 6.83 27.80
CA ARG C 45 -19.31 5.54 27.59
C ARG C 45 -19.51 5.01 26.17
N VAL C 46 -20.15 5.81 25.32
CA VAL C 46 -20.36 5.42 23.93
C VAL C 46 -19.26 6.07 23.09
N THR C 47 -18.42 5.25 22.46
CA THR C 47 -17.20 5.78 21.87
C THR C 47 -17.13 5.62 20.35
N ILE C 48 -18.25 5.19 19.74
CA ILE C 48 -18.29 4.92 18.31
C ILE C 48 -18.06 6.15 17.44
N GLY C 49 -18.78 7.22 17.71
CA GLY C 49 -18.70 8.39 16.86
C GLY C 49 -19.88 9.35 17.01
N PRO C 50 -19.87 10.42 16.21
CA PRO C 50 -20.77 11.56 16.43
C PRO C 50 -22.23 11.24 16.13
N LEU C 51 -22.50 10.56 15.02
CA LEU C 51 -23.87 10.22 14.64
C LEU C 51 -24.47 9.29 15.70
N CYS C 52 -23.70 8.27 16.07
CA CYS C 52 -24.13 7.32 17.09
C CYS C 52 -24.44 8.01 18.41
N ILE C 53 -23.51 8.85 18.87
CA ILE C 53 -23.66 9.57 20.13
C ILE C 53 -24.91 10.43 20.10
N ARG C 54 -25.14 11.07 18.96
CA ARG C 54 -26.32 11.93 18.80
C ARG C 54 -27.61 11.11 18.89
N ALA C 55 -27.66 10.01 18.16
CA ALA C 55 -28.84 9.13 18.16
C ALA C 55 -29.11 8.56 19.55
N PHE C 56 -28.03 8.16 20.24
CA PHE C 56 -28.11 7.65 21.58
C PHE C 56 -28.69 8.72 22.51
N ASN C 57 -28.15 9.93 22.42
CA ASN C 57 -28.61 11.06 23.22
C ASN C 57 -30.09 11.36 23.02
N GLU C 58 -30.48 11.54 21.76
CA GLU C 58 -31.83 11.95 21.44
C GLU C 58 -32.84 10.92 21.89
N CYS C 59 -32.55 9.65 21.63
CA CYS C 59 -33.51 8.60 21.98
C CYS C 59 -33.52 8.32 23.48
N CYS C 60 -32.37 8.43 24.14
CA CYS C 60 -32.32 8.30 25.58
C CYS C 60 -33.15 9.40 26.23
N THR C 61 -33.03 10.60 25.69
CA THR C 61 -33.75 11.76 26.20
C THR C 61 -35.25 11.59 26.02
N ILE C 62 -35.65 11.11 24.85
CA ILE C 62 -37.06 10.91 24.54
C ILE C 62 -37.67 9.85 25.46
N ALA C 63 -36.97 8.72 25.58
CA ALA C 63 -37.47 7.62 26.41
C ALA C 63 -37.59 8.00 27.89
N ASN C 64 -36.57 8.67 28.43
CA ASN C 64 -36.62 9.07 29.83
C ASN C 64 -37.68 10.14 30.06
N LYS C 65 -37.96 10.96 29.04
CA LYS C 65 -38.97 12.00 29.18
C LYS C 65 -40.37 11.39 29.16
N ILE C 66 -40.60 10.47 28.24
CA ILE C 66 -41.89 9.77 28.17
C ILE C 66 -42.14 9.01 29.47
N ARG C 67 -41.09 8.41 30.01
CA ARG C 67 -41.18 7.72 31.29
C ARG C 67 -41.49 8.70 32.41
N LYS C 68 -40.81 9.85 32.38
CA LYS C 68 -40.99 10.88 33.38
C LYS C 68 -42.37 11.54 33.30
N GLU C 69 -42.77 11.91 32.09
CA GLU C 69 -44.01 12.64 31.85
C GLU C 69 -45.26 11.76 31.90
N SER C 70 -45.09 10.47 32.21
CA SER C 70 -46.22 9.55 32.20
C SER C 70 -47.16 9.77 33.38
#